data_2AXQ
#
_entry.id   2AXQ
#
_cell.length_a   85.279
_cell.length_b   85.279
_cell.length_c   141.977
_cell.angle_alpha   90.00
_cell.angle_beta   90.00
_cell.angle_gamma   120.00
#
_symmetry.space_group_name_H-M   'P 31 2 1'
#
loop_
_entity.id
_entity.type
_entity.pdbx_description
1 polymer 'Saccharopine dehydrogenase'
2 non-polymer 'SULFATE ION'
3 water water
#
_entity_poly.entity_id   1
_entity_poly.type   'polypeptide(L)'
_entity_poly.pdbx_seq_one_letter_code
;MGHHHHHHHHHHSSGHIEGRHMGKNVLLLGSGFVAQPVIDTLAANDDINVTVACRTLANAQALAKPSGSKAISLDVTDDS
ALDKVLADNDVVISLIPYTFHPNVVKSAIRTKTDVVTSSYISPALRELEPEIVKAGITVMNEIGLDPGIDHLYAVKTIDE
VHRAGGKLKSFLSYCGGLPAPEDSDNPLGYKFSWSSRGVLLALRNSAKYWKDGKIETVSSEDLMATAKPYFIYPGYAFVC
YPNRDSTLFKDLYHIPEAETVIRGTLRYQGFPEFVKALVDMGMLKDDANEIFSKPIAWNEALKQYLGAKSTSKEDLIASI
DSKATWKDDEDRERILSGFAWLGLFSDAKITPRGNALDTLCARLEELMQYEDNERDMVVLQHKFGIEWADGTTETRTSTL
VDYGKVGGYSSMAATVGYPVAIATKFVLDGTIKGPGLLAPYSPEINDPIMKELKDKYGIYLKEKTVA
;
_entity_poly.pdbx_strand_id   A
#
# COMPACT_ATOMS: atom_id res chain seq x y z
N GLY A 23 -22.86 -24.45 -7.77
CA GLY A 23 -22.20 -23.78 -6.61
C GLY A 23 -22.46 -22.29 -6.53
N LYS A 24 -21.49 -21.55 -6.01
CA LYS A 24 -21.64 -20.11 -5.84
C LYS A 24 -20.99 -19.39 -6.98
N ASN A 25 -21.58 -18.26 -7.36
CA ASN A 25 -21.11 -17.50 -8.48
C ASN A 25 -20.42 -16.21 -8.00
N VAL A 26 -19.12 -16.07 -8.31
CA VAL A 26 -18.34 -14.91 -7.88
C VAL A 26 -17.97 -14.07 -9.09
N LEU A 27 -18.30 -12.77 -9.03
CA LEU A 27 -17.84 -11.81 -10.05
C LEU A 27 -16.62 -11.04 -9.52
N LEU A 28 -15.56 -11.00 -10.32
CA LEU A 28 -14.41 -10.21 -9.95
C LEU A 28 -14.23 -9.09 -10.95
N LEU A 29 -14.24 -7.86 -10.45
CA LEU A 29 -13.96 -6.69 -11.24
C LEU A 29 -12.50 -6.29 -10.99
N GLY A 30 -11.69 -6.26 -12.04
CA GLY A 30 -10.32 -5.85 -11.88
C GLY A 30 -9.34 -6.48 -12.84
N SER A 31 -8.32 -5.69 -13.18
CA SER A 31 -7.19 -6.15 -13.97
C SER A 31 -5.94 -5.52 -13.39
N GLY A 32 -5.68 -5.82 -12.13
CA GLY A 32 -4.42 -5.48 -11.48
C GLY A 32 -3.76 -6.82 -11.22
N PHE A 33 -2.50 -6.79 -10.78
CA PHE A 33 -1.79 -8.03 -10.41
C PHE A 33 -2.48 -8.67 -9.21
N VAL A 34 -3.22 -7.87 -8.42
CA VAL A 34 -3.96 -8.41 -7.28
C VAL A 34 -5.05 -9.38 -7.72
N ALA A 35 -5.62 -9.14 -8.89
CA ALA A 35 -6.67 -10.02 -9.39
C ALA A 35 -6.25 -11.49 -9.54
N GLN A 36 -5.01 -11.76 -9.96
CA GLN A 36 -4.62 -13.12 -10.29
C GLN A 36 -4.73 -14.12 -9.15
N PRO A 37 -4.10 -13.84 -7.98
CA PRO A 37 -4.27 -14.87 -6.93
C PRO A 37 -5.72 -15.07 -6.47
N VAL A 38 -6.54 -14.03 -6.53
CA VAL A 38 -7.95 -14.12 -6.08
C VAL A 38 -8.72 -15.06 -7.02
N ILE A 39 -8.66 -14.77 -8.32
CA ILE A 39 -9.29 -15.64 -9.32
C ILE A 39 -8.77 -17.06 -9.11
N ASP A 40 -7.45 -17.22 -9.08
CA ASP A 40 -6.87 -18.56 -9.03
C ASP A 40 -7.21 -19.36 -7.77
N THR A 41 -7.18 -18.73 -6.60
CA THR A 41 -7.50 -19.48 -5.38
C THR A 41 -9.00 -19.81 -5.28
N LEU A 42 -9.85 -18.90 -5.78
CA LEU A 42 -11.30 -19.12 -5.72
C LEU A 42 -11.74 -20.14 -6.76
N ALA A 43 -11.22 -20.01 -7.99
CA ALA A 43 -11.58 -20.92 -9.09
C ALA A 43 -11.16 -22.38 -8.86
N ALA A 44 -10.11 -22.56 -8.04
CA ALA A 44 -9.65 -23.87 -7.59
C ALA A 44 -10.70 -24.61 -6.75
N ASN A 45 -11.62 -23.87 -6.16
CA ASN A 45 -12.73 -24.45 -5.43
C ASN A 45 -13.80 -24.96 -6.41
N ASP A 46 -14.19 -26.23 -6.27
CA ASP A 46 -15.13 -26.84 -7.23
C ASP A 46 -16.50 -26.19 -7.18
N ASP A 47 -16.90 -25.71 -6.01
CA ASP A 47 -18.22 -25.09 -5.81
C ASP A 47 -18.24 -23.58 -5.94
N ILE A 48 -17.24 -23.02 -6.62
CA ILE A 48 -17.23 -21.57 -6.90
C ILE A 48 -16.97 -21.38 -8.38
N ASN A 49 -17.82 -20.57 -9.01
CA ASN A 49 -17.69 -20.26 -10.41
C ASN A 49 -17.33 -18.79 -10.53
N VAL A 50 -16.12 -18.51 -10.99
CA VAL A 50 -15.64 -17.15 -11.11
C VAL A 50 -15.86 -16.63 -12.49
N THR A 51 -16.33 -15.39 -12.55
CA THR A 51 -16.38 -14.62 -13.75
C THR A 51 -15.48 -13.42 -13.54
N VAL A 52 -14.52 -13.27 -14.45
CA VAL A 52 -13.67 -12.09 -14.51
C VAL A 52 -14.19 -11.06 -15.49
N ALA A 53 -14.30 -9.83 -15.01
CA ALA A 53 -14.77 -8.69 -15.79
C ALA A 53 -13.75 -7.56 -15.79
N CYS A 54 -13.31 -7.20 -16.99
CA CYS A 54 -12.46 -6.05 -17.21
C CYS A 54 -13.08 -5.29 -18.38
N ARG A 55 -12.61 -4.07 -18.63
CA ARG A 55 -13.02 -3.35 -19.84
C ARG A 55 -12.88 -4.16 -21.15
N THR A 56 -11.78 -4.92 -21.31
CA THR A 56 -11.55 -5.66 -22.56
C THR A 56 -11.66 -7.18 -22.39
N LEU A 57 -12.48 -7.83 -23.21
CA LEU A 57 -12.66 -9.29 -23.11
C LEU A 57 -11.33 -10.08 -23.01
N ALA A 58 -10.32 -9.64 -23.76
CA ALA A 58 -9.04 -10.37 -23.84
C ALA A 58 -8.30 -10.40 -22.50
N ASN A 59 -8.17 -9.23 -21.81
CA ASN A 59 -7.69 -9.16 -20.42
C ASN A 59 -8.33 -10.19 -19.51
N ALA A 60 -9.66 -10.19 -19.51
CA ALA A 60 -10.41 -11.04 -18.65
C ALA A 60 -10.18 -12.50 -19.08
N GLN A 61 -10.09 -12.75 -20.39
CA GLN A 61 -9.87 -14.14 -20.87
C GLN A 61 -8.48 -14.60 -20.47
N ALA A 62 -7.56 -13.65 -20.36
CA ALA A 62 -6.17 -13.91 -20.00
C ALA A 62 -6.03 -14.15 -18.49
N LEU A 63 -6.63 -13.26 -17.70
CA LEU A 63 -6.74 -13.44 -16.26
C LEU A 63 -7.49 -14.71 -15.91
N ALA A 64 -8.51 -15.03 -16.71
CA ALA A 64 -9.32 -16.22 -16.48
C ALA A 64 -8.70 -17.51 -17.04
N LYS A 65 -7.81 -17.38 -18.03
CA LYS A 65 -7.24 -18.50 -18.77
C LYS A 65 -6.60 -19.58 -17.89
N PRO A 66 -5.68 -19.21 -16.97
CA PRO A 66 -5.05 -20.22 -16.12
C PRO A 66 -6.04 -21.14 -15.43
N SER A 67 -7.15 -20.59 -14.93
CA SER A 67 -8.13 -21.41 -14.23
C SER A 67 -9.31 -21.82 -15.08
N GLY A 68 -9.35 -21.38 -16.34
CA GLY A 68 -10.49 -21.67 -17.19
C GLY A 68 -11.79 -21.07 -16.66
N SER A 69 -11.68 -19.85 -16.13
CA SER A 69 -12.85 -19.17 -15.60
C SER A 69 -13.62 -18.50 -16.72
N LYS A 70 -14.89 -18.22 -16.46
CA LYS A 70 -15.66 -17.38 -17.36
C LYS A 70 -15.03 -15.98 -17.36
N ALA A 71 -15.18 -15.29 -18.48
CA ALA A 71 -14.53 -14.01 -18.71
C ALA A 71 -15.44 -13.17 -19.58
N ILE A 72 -15.58 -11.90 -19.27
CA ILE A 72 -16.47 -10.99 -20.02
C ILE A 72 -15.83 -9.65 -20.04
N SER A 73 -16.31 -8.77 -20.91
CA SER A 73 -15.96 -7.34 -20.88
C SER A 73 -17.05 -6.61 -20.15
N LEU A 74 -16.72 -5.45 -19.57
CA LEU A 74 -17.66 -4.69 -18.75
C LEU A 74 -17.25 -3.27 -18.48
N ASP A 75 -18.15 -2.35 -18.78
CA ASP A 75 -17.98 -0.96 -18.47
C ASP A 75 -18.73 -0.67 -17.19
N VAL A 76 -18.03 -0.37 -16.09
CA VAL A 76 -18.70 -0.19 -14.78
C VAL A 76 -19.55 1.07 -14.68
N THR A 77 -19.32 2.03 -15.59
CA THR A 77 -20.14 3.25 -15.62
C THR A 77 -21.48 3.04 -16.33
N ASP A 78 -21.65 1.91 -17.00
CA ASP A 78 -22.91 1.59 -17.66
C ASP A 78 -23.77 0.85 -16.63
N ASP A 79 -24.67 1.59 -15.98
CA ASP A 79 -25.62 1.02 -14.98
C ASP A 79 -26.32 -0.27 -15.40
N SER A 80 -26.87 -0.31 -16.63
CA SER A 80 -27.55 -1.51 -17.12
C SER A 80 -26.59 -2.70 -17.29
N ALA A 81 -25.39 -2.44 -17.83
CA ALA A 81 -24.44 -3.55 -18.07
C ALA A 81 -24.01 -4.11 -16.72
N LEU A 82 -23.84 -3.20 -15.77
CA LEU A 82 -23.35 -3.54 -14.44
C LEU A 82 -24.43 -4.34 -13.70
N ASP A 83 -25.67 -3.88 -13.73
CA ASP A 83 -26.77 -4.66 -13.11
C ASP A 83 -26.88 -6.05 -13.70
N LYS A 84 -26.80 -6.15 -15.03
CA LYS A 84 -26.98 -7.45 -15.67
C LYS A 84 -26.03 -8.46 -15.09
N VAL A 85 -24.75 -8.12 -14.98
CA VAL A 85 -23.80 -9.12 -14.51
C VAL A 85 -23.82 -9.35 -12.99
N LEU A 86 -23.98 -8.29 -12.19
CA LEU A 86 -24.13 -8.50 -10.73
C LEU A 86 -25.28 -9.45 -10.41
N ALA A 87 -26.43 -9.24 -11.06
CA ALA A 87 -27.57 -10.11 -10.85
C ALA A 87 -27.33 -11.57 -11.17
N ASP A 88 -26.33 -11.87 -12.02
CA ASP A 88 -25.96 -13.24 -12.40
C ASP A 88 -25.05 -13.88 -11.35
N ASN A 89 -24.74 -13.13 -10.30
CA ASN A 89 -23.74 -13.58 -9.34
C ASN A 89 -24.22 -13.45 -7.90
N ASP A 90 -23.57 -14.17 -7.00
CA ASP A 90 -23.88 -14.10 -5.58
C ASP A 90 -23.11 -13.00 -4.82
N VAL A 91 -21.94 -12.62 -5.33
CA VAL A 91 -21.07 -11.63 -4.70
C VAL A 91 -20.18 -11.03 -5.79
N VAL A 92 -19.82 -9.77 -5.61
CA VAL A 92 -18.87 -9.11 -6.48
C VAL A 92 -17.66 -8.65 -5.67
N ILE A 93 -16.48 -8.97 -6.18
CA ILE A 93 -15.23 -8.51 -5.61
C ILE A 93 -14.82 -7.36 -6.49
N SER A 94 -14.76 -6.19 -5.87
CA SER A 94 -14.38 -4.96 -6.58
C SER A 94 -12.92 -4.60 -6.33
N LEU A 95 -12.09 -4.92 -7.31
CA LEU A 95 -10.64 -4.62 -7.22
C LEU A 95 -10.27 -3.52 -8.19
N ILE A 96 -11.21 -2.64 -8.45
CA ILE A 96 -10.98 -1.52 -9.34
C ILE A 96 -10.78 -0.31 -8.46
N PRO A 97 -10.32 0.82 -9.04
CA PRO A 97 -10.13 2.04 -8.25
C PRO A 97 -11.33 2.38 -7.35
N TYR A 98 -11.03 2.87 -6.15
CA TYR A 98 -12.05 3.13 -5.11
C TYR A 98 -13.12 4.17 -5.50
N THR A 99 -12.81 5.04 -6.46
CA THR A 99 -13.79 6.03 -6.93
C THR A 99 -14.96 5.34 -7.65
N PHE A 100 -14.73 4.10 -8.11
CA PHE A 100 -15.76 3.31 -8.77
C PHE A 100 -16.61 2.45 -7.83
N HIS A 101 -16.20 2.29 -6.57
CA HIS A 101 -16.96 1.39 -5.67
C HIS A 101 -18.40 1.82 -5.52
N PRO A 102 -18.66 3.13 -5.45
CA PRO A 102 -20.04 3.60 -5.37
C PRO A 102 -20.94 3.11 -6.50
N ASN A 103 -20.46 3.16 -7.75
CA ASN A 103 -21.15 2.56 -8.90
C ASN A 103 -21.48 1.10 -8.69
N VAL A 104 -20.49 0.35 -8.19
CA VAL A 104 -20.64 -1.06 -7.92
C VAL A 104 -21.69 -1.28 -6.83
N VAL A 105 -21.58 -0.50 -5.76
CA VAL A 105 -22.47 -0.65 -4.62
C VAL A 105 -23.91 -0.23 -4.96
N LYS A 106 -24.06 0.85 -5.72
CA LYS A 106 -25.41 1.23 -6.22
C LYS A 106 -26.07 0.09 -6.99
N SER A 107 -25.27 -0.56 -7.83
CA SER A 107 -25.73 -1.74 -8.58
C SER A 107 -26.02 -2.90 -7.63
N ALA A 108 -25.14 -3.12 -6.65
CA ALA A 108 -25.38 -4.19 -5.69
C ALA A 108 -26.66 -3.96 -4.89
N ILE A 109 -26.98 -2.69 -4.59
CA ILE A 109 -28.22 -2.37 -3.86
C ILE A 109 -29.43 -2.75 -4.76
N ARG A 110 -29.39 -2.35 -6.02
CA ARG A 110 -30.46 -2.65 -6.95
C ARG A 110 -30.67 -4.15 -7.14
N THR A 111 -29.58 -4.91 -7.24
CA THR A 111 -29.64 -6.32 -7.58
C THR A 111 -29.64 -7.25 -6.37
N LYS A 112 -29.48 -6.66 -5.18
CA LYS A 112 -29.28 -7.44 -3.94
C LYS A 112 -28.12 -8.41 -4.06
N THR A 113 -26.92 -7.88 -4.33
CA THR A 113 -25.72 -8.69 -4.48
C THR A 113 -24.77 -8.24 -3.37
N ASP A 114 -24.07 -9.19 -2.75
CA ASP A 114 -23.05 -8.84 -1.76
C ASP A 114 -21.78 -8.32 -2.45
N VAL A 115 -20.99 -7.54 -1.71
CA VAL A 115 -19.79 -6.87 -2.27
C VAL A 115 -18.60 -7.09 -1.32
N VAL A 116 -17.42 -7.30 -1.87
CA VAL A 116 -16.19 -7.30 -1.08
C VAL A 116 -15.17 -6.35 -1.70
N THR A 117 -14.60 -5.47 -0.89
CA THR A 117 -13.48 -4.62 -1.38
C THR A 117 -12.30 -4.68 -0.43
N SER A 118 -11.13 -4.24 -0.92
CA SER A 118 -9.95 -4.07 -0.07
C SER A 118 -9.69 -2.61 0.31
N SER A 119 -10.65 -1.73 0.03
CA SER A 119 -10.43 -0.29 0.12
C SER A 119 -10.95 0.30 1.42
N TYR A 120 -10.32 1.39 1.90
CA TYR A 120 -10.89 2.20 2.98
C TYR A 120 -12.30 2.69 2.59
N ILE A 121 -13.25 2.58 3.52
CA ILE A 121 -14.62 3.08 3.31
C ILE A 121 -14.59 4.55 3.00
N SER A 122 -15.17 4.94 1.86
CA SER A 122 -15.13 6.31 1.37
C SER A 122 -16.37 7.08 1.82
N PRO A 123 -16.30 8.42 1.82
CA PRO A 123 -17.53 9.17 2.12
C PRO A 123 -18.70 8.82 1.18
N ALA A 124 -18.42 8.56 -0.09
CA ALA A 124 -19.48 8.12 -1.01
C ALA A 124 -20.18 6.84 -0.54
N LEU A 125 -19.40 5.87 -0.03
CA LEU A 125 -20.00 4.64 0.49
C LEU A 125 -20.77 4.87 1.77
N ARG A 126 -20.23 5.71 2.66
CA ARG A 126 -21.01 6.06 3.85
C ARG A 126 -22.38 6.66 3.53
N GLU A 127 -22.43 7.49 2.48
CA GLU A 127 -23.70 8.09 2.05
C GLU A 127 -24.71 7.01 1.64
N LEU A 128 -24.21 5.91 1.06
CA LEU A 128 -25.08 4.82 0.62
C LEU A 128 -25.45 3.88 1.75
N GLU A 129 -24.83 4.07 2.92
CA GLU A 129 -24.94 3.05 3.96
C GLU A 129 -26.40 2.71 4.37
N PRO A 130 -27.27 3.72 4.60
CA PRO A 130 -28.66 3.30 4.94
C PRO A 130 -29.38 2.46 3.86
N GLU A 131 -29.09 2.71 2.58
CA GLU A 131 -29.66 1.87 1.52
C GLU A 131 -29.04 0.49 1.47
N ILE A 132 -27.75 0.37 1.84
CA ILE A 132 -27.11 -0.94 1.86
C ILE A 132 -27.86 -1.78 2.87
N VAL A 133 -28.12 -1.21 4.05
CA VAL A 133 -28.81 -1.92 5.13
C VAL A 133 -30.24 -2.31 4.70
N LYS A 134 -30.99 -1.33 4.21
CA LYS A 134 -32.35 -1.59 3.72
C LYS A 134 -32.37 -2.65 2.63
N ALA A 135 -31.35 -2.68 1.78
CA ALA A 135 -31.29 -3.65 0.68
C ALA A 135 -31.00 -5.08 1.18
N GLY A 136 -30.51 -5.18 2.42
CA GLY A 136 -30.20 -6.48 2.96
C GLY A 136 -28.91 -7.10 2.42
N ILE A 137 -28.05 -6.29 1.83
CA ILE A 137 -26.77 -6.81 1.33
C ILE A 137 -25.62 -6.58 2.31
N THR A 138 -24.58 -7.37 2.13
CA THR A 138 -23.34 -7.21 2.90
C THR A 138 -22.27 -6.61 1.99
N VAL A 139 -21.72 -5.45 2.37
CA VAL A 139 -20.60 -4.87 1.66
C VAL A 139 -19.42 -4.98 2.64
N MET A 140 -18.49 -5.88 2.37
CA MET A 140 -17.33 -6.04 3.24
C MET A 140 -16.20 -5.19 2.69
N ASN A 141 -15.55 -4.42 3.57
CA ASN A 141 -14.55 -3.46 3.15
C ASN A 141 -13.25 -3.69 3.88
N GLU A 142 -12.21 -2.98 3.42
CA GLU A 142 -10.94 -2.83 4.15
C GLU A 142 -10.33 -4.17 4.52
N ILE A 143 -10.33 -5.12 3.60
CA ILE A 143 -9.82 -6.45 3.94
C ILE A 143 -8.75 -6.95 2.93
N GLY A 144 -7.73 -6.12 2.70
CA GLY A 144 -6.49 -6.63 2.07
C GLY A 144 -5.39 -6.70 3.11
N LEU A 145 -4.27 -6.03 2.82
CA LEU A 145 -3.14 -5.97 3.74
C LEU A 145 -3.20 -4.77 4.67
N ASP A 146 -3.41 -3.60 4.05
CA ASP A 146 -3.31 -2.31 4.69
C ASP A 146 -4.23 -1.37 3.91
N PRO A 147 -5.53 -1.33 4.29
CA PRO A 147 -6.14 -1.97 5.45
C PRO A 147 -6.52 -3.43 5.25
N GLY A 148 -6.47 -4.18 6.36
CA GLY A 148 -7.00 -5.53 6.38
C GLY A 148 -6.26 -6.31 7.44
N ILE A 149 -5.19 -6.96 7.00
CA ILE A 149 -4.37 -7.76 7.91
C ILE A 149 -3.90 -6.97 9.11
N ASP A 150 -3.55 -5.70 8.89
CA ASP A 150 -3.14 -4.85 10.00
C ASP A 150 -4.24 -4.73 11.05
N HIS A 151 -5.47 -4.46 10.61
CA HIS A 151 -6.60 -4.37 11.56
C HIS A 151 -6.82 -5.68 12.33
N LEU A 152 -6.69 -6.82 11.64
CA LEU A 152 -6.99 -8.12 12.26
C LEU A 152 -6.14 -8.27 13.50
N TYR A 153 -4.85 -8.01 13.33
CA TYR A 153 -3.89 -8.27 14.41
C TYR A 153 -3.80 -7.14 15.44
N ALA A 154 -4.07 -5.90 15.01
CA ALA A 154 -4.14 -4.81 15.97
C ALA A 154 -5.33 -5.02 16.90
N VAL A 155 -6.49 -5.31 16.32
CA VAL A 155 -7.68 -5.53 17.14
C VAL A 155 -7.46 -6.71 18.09
N LYS A 156 -6.76 -7.74 17.61
CA LYS A 156 -6.58 -8.98 18.37
C LYS A 156 -5.91 -8.70 19.71
N THR A 157 -4.76 -8.05 19.64
CA THR A 157 -3.96 -7.76 20.82
C THR A 157 -4.66 -6.74 21.71
N ILE A 158 -5.23 -5.68 21.13
CA ILE A 158 -5.89 -4.66 21.96
C ILE A 158 -7.07 -5.28 22.73
N ASP A 159 -7.81 -6.16 22.05
CA ASP A 159 -8.92 -6.88 22.67
C ASP A 159 -8.40 -7.74 23.84
N GLU A 160 -7.35 -8.53 23.59
CA GLU A 160 -6.67 -9.29 24.66
C GLU A 160 -6.19 -8.42 25.82
N VAL A 161 -5.59 -7.28 25.52
CA VAL A 161 -5.08 -6.38 26.55
C VAL A 161 -6.25 -5.82 27.38
N HIS A 162 -7.30 -5.33 26.72
CA HIS A 162 -8.46 -4.77 27.43
C HIS A 162 -9.21 -5.80 28.28
N ARG A 163 -9.43 -6.99 27.73
CA ARG A 163 -10.08 -8.09 28.45
C ARG A 163 -9.35 -8.51 29.74
N ALA A 164 -8.03 -8.37 29.77
CA ALA A 164 -7.23 -8.65 30.97
C ALA A 164 -7.07 -7.44 31.90
N GLY A 165 -7.91 -6.41 31.70
CA GLY A 165 -7.83 -5.17 32.46
C GLY A 165 -6.60 -4.32 32.20
N GLY A 166 -5.94 -4.54 31.06
CA GLY A 166 -4.73 -3.80 30.72
C GLY A 166 -5.00 -2.52 29.96
N LYS A 167 -4.01 -1.63 29.98
CA LYS A 167 -4.05 -0.36 29.24
C LYS A 167 -3.07 -0.38 28.07
N LEU A 168 -3.55 0.04 26.91
CA LEU A 168 -2.68 0.14 25.76
C LEU A 168 -2.06 1.52 25.77
N LYS A 169 -0.87 1.65 26.34
CA LYS A 169 -0.21 2.93 26.46
C LYS A 169 0.43 3.42 25.17
N SER A 170 0.92 2.50 24.35
CA SER A 170 1.59 2.87 23.10
C SER A 170 1.22 1.91 21.97
N PHE A 171 0.84 2.45 20.84
CA PHE A 171 0.64 1.68 19.63
C PHE A 171 1.52 2.25 18.52
N LEU A 172 2.45 1.42 18.03
CA LEU A 172 3.32 1.78 16.90
C LEU A 172 3.07 0.78 15.82
N SER A 173 2.98 1.22 14.56
CA SER A 173 2.68 0.29 13.49
C SER A 173 3.37 0.78 12.23
N TYR A 174 4.17 -0.09 11.64
CA TYR A 174 4.98 0.32 10.47
C TYR A 174 4.87 -0.74 9.39
N CYS A 175 4.75 -0.30 8.14
CA CYS A 175 4.52 -1.22 7.05
C CYS A 175 5.23 -0.69 5.80
N GLY A 176 5.78 -1.59 5.01
CA GLY A 176 6.33 -1.23 3.71
C GLY A 176 6.27 -2.39 2.72
N GLY A 177 6.13 -2.04 1.44
CA GLY A 177 6.30 -3.00 0.36
C GLY A 177 7.62 -2.65 -0.33
N LEU A 178 8.57 -3.57 -0.27
CA LEU A 178 9.95 -3.28 -0.69
C LEU A 178 10.52 -4.42 -1.50
N PRO A 179 11.64 -4.18 -2.25
CA PRO A 179 12.32 -5.33 -2.86
C PRO A 179 12.86 -6.25 -1.76
N ALA A 180 12.93 -7.55 -2.03
CA ALA A 180 13.76 -8.43 -1.16
C ALA A 180 15.14 -7.76 -1.11
N PRO A 181 15.84 -7.86 0.04
CA PRO A 181 17.14 -7.20 0.20
C PRO A 181 18.16 -7.52 -0.90
N GLU A 182 18.18 -8.77 -1.35
CA GLU A 182 19.10 -9.21 -2.42
C GLU A 182 18.76 -8.56 -3.74
N ASP A 183 17.52 -8.07 -3.89
CA ASP A 183 17.05 -7.36 -5.10
C ASP A 183 16.93 -5.84 -4.94
N SER A 184 17.52 -5.30 -3.87
CA SER A 184 17.37 -3.90 -3.52
C SER A 184 18.46 -2.97 -4.06
N ASP A 185 19.35 -3.47 -4.92
CA ASP A 185 20.49 -2.67 -5.33
C ASP A 185 20.16 -1.64 -6.42
N ASN A 186 19.43 -0.62 -6.02
CA ASN A 186 19.30 0.57 -6.81
C ASN A 186 19.36 1.78 -5.90
N PRO A 187 19.41 3.00 -6.46
CA PRO A 187 19.62 4.14 -5.59
C PRO A 187 18.56 4.40 -4.52
N LEU A 188 17.36 3.86 -4.66
CA LEU A 188 16.32 4.09 -3.66
C LEU A 188 16.07 2.87 -2.78
N GLY A 189 16.68 1.75 -3.13
CA GLY A 189 16.27 0.46 -2.55
C GLY A 189 14.76 0.24 -2.73
N TYR A 190 14.23 0.57 -3.91
CA TYR A 190 12.81 0.61 -4.11
C TYR A 190 12.56 0.28 -5.56
N LYS A 191 11.52 -0.53 -5.80
CA LYS A 191 11.10 -0.86 -7.16
C LYS A 191 9.64 -0.46 -7.39
N PHE A 192 9.36 0.05 -8.58
CA PHE A 192 8.03 0.58 -8.92
C PHE A 192 7.17 -0.40 -9.70
N SER A 193 5.90 -0.47 -9.29
CA SER A 193 4.89 -1.26 -10.01
C SER A 193 3.50 -0.57 -9.98
N TRP A 194 3.36 0.58 -10.64
CA TRP A 194 4.31 1.02 -11.65
C TRP A 194 4.76 2.47 -11.50
N SER A 195 3.99 3.28 -10.78
CA SER A 195 4.24 4.72 -10.73
C SER A 195 5.03 5.13 -9.50
N SER A 196 5.82 6.18 -9.65
CA SER A 196 6.74 6.62 -8.61
C SER A 196 6.35 7.93 -7.94
N ARG A 197 5.40 8.66 -8.53
CA ARG A 197 5.08 10.02 -8.05
C ARG A 197 4.70 10.06 -6.56
N GLY A 198 3.74 9.24 -6.16
CA GLY A 198 3.31 9.15 -4.75
C GLY A 198 4.43 8.72 -3.82
N VAL A 199 5.25 7.76 -4.26
CA VAL A 199 6.35 7.29 -3.43
C VAL A 199 7.30 8.42 -3.13
N LEU A 200 7.58 9.21 -4.15
CA LEU A 200 8.49 10.33 -4.04
C LEU A 200 7.95 11.48 -3.15
N LEU A 201 6.65 11.78 -3.28
CA LEU A 201 6.10 12.95 -2.61
C LEU A 201 5.75 12.64 -1.13
N ALA A 202 5.76 11.35 -0.80
CA ALA A 202 5.41 10.91 0.53
C ALA A 202 6.27 11.56 1.59
N LEU A 203 7.55 11.82 1.31
CA LEU A 203 8.39 12.51 2.28
C LEU A 203 8.20 14.02 2.30
N ARG A 204 7.28 14.51 1.49
CA ARG A 204 6.89 15.93 1.52
C ARG A 204 5.44 16.16 2.01
N ASN A 205 4.86 15.16 2.68
CA ASN A 205 3.54 15.27 3.31
C ASN A 205 3.64 15.73 4.75
N SER A 206 2.53 16.19 5.32
CA SER A 206 2.52 16.48 6.73
C SER A 206 2.21 15.15 7.41
N ALA A 207 2.36 15.12 8.74
CA ALA A 207 2.02 13.93 9.51
C ALA A 207 1.46 14.38 10.86
N LYS A 208 0.44 13.67 11.35
CA LYS A 208 -0.14 13.96 12.66
C LYS A 208 -0.31 12.63 13.39
N TYR A 209 0.11 12.59 14.66
CA TYR A 209 0.08 11.36 15.47
C TYR A 209 0.10 11.75 16.95
N TRP A 210 -0.04 10.75 17.82
CA TRP A 210 0.12 10.90 19.26
C TRP A 210 1.49 10.44 19.72
N LYS A 211 2.10 11.25 20.59
CA LYS A 211 3.36 10.90 21.26
C LYS A 211 3.39 11.43 22.70
N ASP A 212 3.58 10.53 23.66
CA ASP A 212 3.69 10.88 25.07
C ASP A 212 2.56 11.76 25.58
N GLY A 213 1.35 11.47 25.11
CA GLY A 213 0.14 12.05 25.68
C GLY A 213 -0.20 13.40 25.06
N LYS A 214 0.48 13.73 23.98
CA LYS A 214 0.18 14.94 23.22
C LYS A 214 0.17 14.63 21.74
N ILE A 215 -0.53 15.45 20.98
CA ILE A 215 -0.47 15.33 19.52
C ILE A 215 0.79 16.02 19.00
N GLU A 216 1.44 15.43 18.00
CA GLU A 216 2.55 16.09 17.33
C GLU A 216 2.17 16.13 15.89
N THR A 217 2.44 17.25 15.25
CA THR A 217 2.25 17.39 13.82
C THR A 217 3.60 17.80 13.24
N VAL A 218 3.89 17.29 12.05
CA VAL A 218 5.11 17.59 11.32
C VAL A 218 4.70 18.19 9.98
N SER A 219 5.26 19.36 9.65
CA SER A 219 4.94 20.00 8.38
C SER A 219 5.59 19.26 7.20
N SER A 220 5.11 19.56 5.99
CA SER A 220 5.65 19.05 4.73
C SER A 220 7.16 19.18 4.64
N GLU A 221 7.66 20.37 4.98
CA GLU A 221 9.07 20.70 4.95
C GLU A 221 9.89 19.88 5.94
N ASP A 222 9.26 19.54 7.07
CA ASP A 222 9.97 19.01 8.22
C ASP A 222 9.89 17.50 8.34
N LEU A 223 9.10 16.89 7.47
CA LEU A 223 8.89 15.44 7.49
C LEU A 223 10.22 14.71 7.28
N MET A 224 11.00 15.19 6.31
CA MET A 224 12.27 14.58 5.91
C MET A 224 13.17 14.30 7.11
N ALA A 225 13.24 15.27 8.02
CA ALA A 225 14.11 15.24 9.17
C ALA A 225 13.60 14.29 10.21
N THR A 226 12.32 13.93 10.13
CA THR A 226 11.79 12.94 11.04
C THR A 226 12.22 11.52 10.70
N ALA A 227 12.58 11.27 9.43
CA ALA A 227 12.91 9.89 9.06
C ALA A 227 14.06 9.38 9.93
N LYS A 228 13.94 8.13 10.39
CA LYS A 228 14.91 7.58 11.35
C LYS A 228 14.95 6.06 11.24
N PRO A 229 16.08 5.41 11.64
CA PRO A 229 16.12 3.95 11.63
C PRO A 229 15.01 3.36 12.47
N TYR A 230 14.47 2.25 11.99
CA TYR A 230 13.46 1.57 12.74
C TYR A 230 13.83 0.13 12.79
N PHE A 231 14.24 -0.32 13.97
CA PHE A 231 14.76 -1.69 14.14
C PHE A 231 13.63 -2.71 14.28
N ILE A 232 13.63 -3.70 13.39
CA ILE A 232 12.73 -4.82 13.49
C ILE A 232 13.50 -6.12 13.75
N TYR A 233 14.31 -6.57 12.75
CA TYR A 233 15.22 -7.72 12.89
C TYR A 233 16.62 -7.30 12.50
N PRO A 234 17.67 -7.94 13.08
CA PRO A 234 19.04 -7.52 12.75
C PRO A 234 19.35 -7.41 11.25
N GLY A 235 18.79 -8.29 10.44
CA GLY A 235 19.24 -8.43 9.03
C GLY A 235 18.89 -7.22 8.18
N TYR A 236 17.86 -6.49 8.59
CA TYR A 236 17.27 -5.44 7.73
C TYR A 236 17.70 -4.06 8.15
N ALA A 237 17.90 -3.21 7.14
CA ALA A 237 18.19 -1.81 7.39
C ALA A 237 17.00 -0.90 7.02
N PHE A 238 16.03 -0.80 7.93
CA PHE A 238 14.81 -0.05 7.68
C PHE A 238 14.96 1.33 8.24
N VAL A 239 14.36 2.29 7.54
CA VAL A 239 14.06 3.60 8.12
C VAL A 239 12.55 3.78 8.05
N CYS A 240 12.01 4.71 8.85
CA CYS A 240 10.60 4.94 8.86
C CYS A 240 10.27 6.42 8.94
N TYR A 241 9.07 6.76 8.48
CA TYR A 241 8.53 8.11 8.65
C TYR A 241 7.04 7.94 8.94
N PRO A 242 6.44 8.88 9.70
CA PRO A 242 5.01 8.75 10.00
C PRO A 242 4.08 9.08 8.83
N ASN A 243 2.93 8.40 8.80
CA ASN A 243 1.90 8.63 7.76
C ASN A 243 1.12 9.93 8.03
N ARG A 244 0.22 10.31 7.13
CA ARG A 244 -0.47 11.62 7.23
C ARG A 244 -1.26 11.79 8.53
N ASP A 245 -2.03 10.78 8.91
CA ASP A 245 -2.78 10.86 10.14
C ASP A 245 -2.91 9.56 10.90
N SER A 246 -2.27 9.49 12.06
CA SER A 246 -2.38 8.31 12.91
C SER A 246 -3.47 8.47 13.97
N THR A 247 -3.99 9.68 14.13
CA THR A 247 -4.89 9.95 15.27
C THR A 247 -6.20 9.20 15.15
N LEU A 248 -6.55 8.79 13.93
CA LEU A 248 -7.82 8.10 13.71
C LEU A 248 -7.89 6.73 14.40
N PHE A 249 -6.73 6.13 14.69
CA PHE A 249 -6.69 4.77 15.28
C PHE A 249 -7.12 4.70 16.72
N LYS A 250 -7.09 5.85 17.41
CA LYS A 250 -7.61 5.96 18.78
C LYS A 250 -9.08 5.60 18.81
N ASP A 251 -9.89 6.25 17.98
CA ASP A 251 -11.34 5.93 17.89
C ASP A 251 -11.57 4.58 17.18
N LEU A 252 -10.79 4.31 16.15
CA LEU A 252 -10.96 3.07 15.40
C LEU A 252 -10.73 1.80 16.22
N TYR A 253 -9.71 1.79 17.07
CA TYR A 253 -9.40 0.62 17.86
C TYR A 253 -9.83 0.81 19.32
N HIS A 254 -10.47 1.95 19.59
CA HIS A 254 -10.91 2.33 20.92
C HIS A 254 -9.76 2.20 21.94
N ILE A 255 -8.73 3.01 21.73
CA ILE A 255 -7.61 3.08 22.66
C ILE A 255 -7.46 4.52 23.15
N PRO A 256 -8.52 5.00 23.84
CA PRO A 256 -8.47 6.34 24.36
C PRO A 256 -7.34 6.53 25.38
N GLU A 257 -6.91 5.46 26.02
CA GLU A 257 -5.87 5.55 27.06
C GLU A 257 -4.44 5.62 26.49
N ALA A 258 -4.29 5.45 25.17
CA ALA A 258 -2.94 5.43 24.56
C ALA A 258 -2.29 6.81 24.55
N GLU A 259 -1.04 6.89 25.03
CA GLU A 259 -0.25 8.11 25.03
C GLU A 259 0.44 8.31 23.68
N THR A 260 0.71 7.19 23.02
CA THR A 260 1.51 7.19 21.78
C THR A 260 0.77 6.30 20.78
N VAL A 261 0.54 6.84 19.60
CA VAL A 261 -0.19 6.19 18.52
C VAL A 261 0.43 6.70 17.25
N ILE A 262 1.25 5.85 16.61
CA ILE A 262 1.94 6.27 15.36
C ILE A 262 1.92 5.15 14.36
N ARG A 263 1.40 5.44 13.16
CA ARG A 263 1.42 4.50 12.05
C ARG A 263 2.39 5.10 11.03
N GLY A 264 3.27 4.29 10.46
CA GLY A 264 4.20 4.83 9.44
C GLY A 264 4.59 3.83 8.35
N THR A 265 5.51 4.28 7.50
CA THR A 265 5.95 3.55 6.32
C THR A 265 7.42 3.16 6.47
N LEU A 266 7.76 1.94 6.03
CA LEU A 266 9.15 1.50 6.06
C LEU A 266 9.74 1.65 4.66
N ARG A 267 10.98 2.10 4.64
CA ARG A 267 11.84 2.13 3.45
C ARG A 267 13.21 1.58 3.88
N TYR A 268 14.10 1.33 2.93
CA TYR A 268 15.46 0.97 3.29
C TYR A 268 16.36 2.19 3.49
N GLN A 269 17.42 1.98 4.25
CA GLN A 269 18.39 2.99 4.51
C GLN A 269 18.75 3.71 3.20
N GLY A 270 18.93 5.02 3.30
CA GLY A 270 19.39 5.81 2.14
C GLY A 270 18.28 6.48 1.34
N PHE A 271 17.07 5.95 1.45
CA PHE A 271 15.92 6.44 0.68
C PHE A 271 15.60 7.93 1.00
N PRO A 272 15.48 8.29 2.29
CA PRO A 272 15.15 9.70 2.57
C PRO A 272 16.23 10.67 2.12
N GLU A 273 17.50 10.30 2.31
CA GLU A 273 18.61 11.17 1.95
C GLU A 273 18.66 11.39 0.44
N PHE A 274 18.33 10.33 -0.31
CA PHE A 274 18.33 10.43 -1.77
C PHE A 274 17.24 11.41 -2.20
N VAL A 275 16.03 11.21 -1.67
CA VAL A 275 14.91 12.09 -1.97
C VAL A 275 15.18 13.55 -1.56
N LYS A 276 15.77 13.75 -0.39
CA LYS A 276 16.16 15.08 0.08
C LYS A 276 17.10 15.80 -0.89
N ALA A 277 18.11 15.10 -1.38
CA ALA A 277 19.03 15.68 -2.37
C ALA A 277 18.22 16.15 -3.60
N LEU A 278 17.29 15.30 -4.06
CA LEU A 278 16.44 15.64 -5.21
C LEU A 278 15.55 16.86 -4.93
N VAL A 279 14.93 16.88 -3.76
CA VAL A 279 14.26 18.09 -3.25
C VAL A 279 15.13 19.36 -3.33
N ASP A 280 16.31 19.33 -2.70
CA ASP A 280 17.25 20.47 -2.74
C ASP A 280 17.58 20.92 -4.16
N MET A 281 17.49 20.01 -5.13
CA MET A 281 17.77 20.35 -6.54
C MET A 281 16.57 20.91 -7.27
N GLY A 282 15.42 20.93 -6.60
CA GLY A 282 14.18 21.39 -7.20
C GLY A 282 13.49 20.32 -8.01
N MET A 283 14.01 19.08 -7.94
CA MET A 283 13.51 18.02 -8.84
C MET A 283 12.14 17.42 -8.51
N LEU A 284 11.57 17.77 -7.36
CA LEU A 284 10.21 17.33 -7.04
C LEU A 284 9.15 18.42 -7.31
N LYS A 285 9.57 19.52 -7.95
CA LYS A 285 8.64 20.58 -8.37
C LYS A 285 7.87 20.22 -9.63
N ASP A 286 6.56 20.36 -9.57
CA ASP A 286 5.71 19.97 -10.68
C ASP A 286 5.23 21.15 -11.57
N ASP A 287 5.76 22.33 -11.30
CA ASP A 287 5.46 23.53 -12.09
C ASP A 287 5.83 23.32 -13.57
N ALA A 288 4.94 23.72 -14.48
CA ALA A 288 5.23 23.61 -15.90
C ALA A 288 6.55 24.33 -16.13
N ASN A 289 7.50 23.66 -16.77
CA ASN A 289 8.81 24.24 -16.98
C ASN A 289 9.37 23.77 -18.30
N GLU A 290 9.58 24.71 -19.22
CA GLU A 290 9.96 24.37 -20.58
C GLU A 290 11.26 23.57 -20.71
N ILE A 291 12.08 23.59 -19.68
CA ILE A 291 13.32 22.80 -19.72
C ILE A 291 12.93 21.33 -19.91
N PHE A 292 11.72 20.96 -19.50
CA PHE A 292 11.33 19.56 -19.58
C PHE A 292 10.29 19.27 -20.65
N SER A 293 10.17 20.19 -21.60
CA SER A 293 9.13 20.16 -22.64
C SER A 293 9.41 19.19 -23.79
N LYS A 294 10.69 18.95 -24.05
CA LYS A 294 11.14 18.24 -25.26
C LYS A 294 12.27 17.26 -24.91
N PRO A 295 12.43 16.19 -25.72
CA PRO A 295 13.40 15.13 -25.39
C PRO A 295 14.86 15.49 -25.55
N ILE A 296 15.34 16.44 -24.75
CA ILE A 296 16.76 16.78 -24.74
C ILE A 296 17.51 15.84 -23.77
N ALA A 297 18.83 15.91 -23.77
CA ALA A 297 19.65 15.08 -22.90
C ALA A 297 19.46 15.48 -21.44
N TRP A 298 19.50 14.48 -20.56
CA TRP A 298 19.43 14.73 -19.13
C TRP A 298 20.46 15.75 -18.64
N ASN A 299 21.70 15.63 -19.14
CA ASN A 299 22.74 16.57 -18.70
C ASN A 299 22.47 18.01 -19.15
N GLU A 300 21.80 18.17 -20.29
CA GLU A 300 21.41 19.49 -20.76
C GLU A 300 20.21 20.02 -19.96
N ALA A 301 19.24 19.15 -19.71
CA ALA A 301 18.14 19.53 -18.87
C ALA A 301 18.63 20.00 -17.50
N LEU A 302 19.52 19.24 -16.86
CA LEU A 302 20.02 19.60 -15.53
C LEU A 302 20.88 20.86 -15.60
N LYS A 303 21.66 20.99 -16.68
CA LYS A 303 22.47 22.21 -16.84
C LYS A 303 21.57 23.42 -16.78
N GLN A 304 20.48 23.41 -17.57
CA GLN A 304 19.56 24.54 -17.60
C GLN A 304 18.82 24.75 -16.28
N TYR A 305 18.39 23.65 -15.69
CA TYR A 305 17.58 23.69 -14.49
C TYR A 305 18.39 24.13 -13.25
N LEU A 306 19.60 23.62 -13.12
CA LEU A 306 20.49 23.93 -11.99
C LEU A 306 21.33 25.19 -12.23
N GLY A 307 21.32 25.71 -13.45
CA GLY A 307 22.19 26.80 -13.85
C GLY A 307 23.65 26.44 -13.77
N ALA A 308 23.97 25.23 -14.22
CA ALA A 308 25.33 24.76 -14.19
C ALA A 308 26.16 25.43 -15.30
N LYS A 309 27.48 25.44 -15.13
CA LYS A 309 28.40 26.03 -16.12
C LYS A 309 28.33 25.36 -17.47
N SER A 310 28.18 24.03 -17.44
CA SER A 310 28.14 23.21 -18.63
C SER A 310 27.45 21.90 -18.25
N THR A 311 27.37 21.01 -19.23
CA THR A 311 26.80 19.66 -19.08
C THR A 311 27.79 18.64 -18.53
N SER A 312 29.06 19.05 -18.31
CA SER A 312 30.06 18.11 -17.79
C SER A 312 29.62 17.62 -16.41
N LYS A 313 29.98 16.39 -16.09
CA LYS A 313 29.61 15.84 -14.79
C LYS A 313 30.15 16.74 -13.69
N GLU A 314 31.35 17.25 -13.90
CA GLU A 314 32.01 18.10 -12.94
C GLU A 314 31.19 19.35 -12.66
N ASP A 315 30.69 20.01 -13.71
CA ASP A 315 29.92 21.24 -13.50
C ASP A 315 28.53 21.00 -12.95
N LEU A 316 27.93 19.89 -13.34
CA LEU A 316 26.61 19.52 -12.80
C LEU A 316 26.71 19.28 -11.29
N ILE A 317 27.74 18.53 -10.88
CA ILE A 317 27.96 18.24 -9.45
C ILE A 317 28.23 19.51 -8.68
N ALA A 318 29.04 20.41 -9.25
CA ALA A 318 29.24 21.71 -8.61
C ALA A 318 27.92 22.43 -8.30
N SER A 319 27.00 22.47 -9.24
CA SER A 319 25.74 23.14 -8.96
C SER A 319 24.89 22.36 -7.95
N ILE A 320 24.99 21.03 -7.95
CA ILE A 320 24.27 20.24 -6.94
C ILE A 320 24.87 20.55 -5.56
N ASP A 321 26.19 20.45 -5.45
CA ASP A 321 26.91 20.73 -4.20
C ASP A 321 26.50 22.08 -3.63
N SER A 322 26.34 23.08 -4.49
CA SER A 322 26.02 24.43 -4.05
C SER A 322 24.57 24.55 -3.51
N LYS A 323 23.77 23.50 -3.69
CA LYS A 323 22.37 23.54 -3.34
C LYS A 323 22.03 22.54 -2.26
N ALA A 324 22.88 21.51 -2.14
CA ALA A 324 22.56 20.36 -1.31
C ALA A 324 23.28 20.42 0.02
N THR A 325 22.58 19.96 1.06
CA THR A 325 23.19 19.70 2.37
C THR A 325 23.41 18.21 2.50
N TRP A 326 24.67 17.78 2.51
CA TRP A 326 25.01 16.38 2.64
C TRP A 326 25.22 15.97 4.09
N LYS A 327 24.80 14.75 4.43
CA LYS A 327 25.02 14.19 5.77
C LYS A 327 26.50 13.98 6.05
N ASP A 328 27.22 13.48 5.04
CA ASP A 328 28.66 13.24 5.10
C ASP A 328 29.17 12.91 3.71
N ASP A 329 30.49 12.72 3.59
CA ASP A 329 31.10 12.49 2.29
C ASP A 329 30.68 11.14 1.72
N GLU A 330 30.46 10.16 2.60
CA GLU A 330 30.06 8.83 2.15
C GLU A 330 28.67 8.91 1.49
N ASP A 331 27.76 9.65 2.11
CA ASP A 331 26.40 9.84 1.62
C ASP A 331 26.38 10.65 0.31
N ARG A 332 27.13 11.76 0.30
CA ARG A 332 27.35 12.54 -0.91
C ARG A 332 27.83 11.66 -2.05
N GLU A 333 28.86 10.86 -1.79
CA GLU A 333 29.38 9.97 -2.83
C GLU A 333 28.32 8.99 -3.31
N ARG A 334 27.56 8.45 -2.35
CA ARG A 334 26.52 7.46 -2.64
C ARG A 334 25.39 8.05 -3.51
N ILE A 335 24.91 9.21 -3.09
CA ILE A 335 23.81 9.89 -3.77
C ILE A 335 24.23 10.36 -5.19
N LEU A 336 25.39 11.00 -5.28
CA LEU A 336 25.88 11.39 -6.62
C LEU A 336 26.10 10.18 -7.53
N SER A 337 26.61 9.08 -6.97
CA SER A 337 26.76 7.88 -7.74
C SER A 337 25.39 7.41 -8.22
N GLY A 338 24.40 7.52 -7.35
CA GLY A 338 23.04 7.14 -7.73
C GLY A 338 22.48 8.00 -8.86
N PHE A 339 22.75 9.31 -8.80
CA PHE A 339 22.37 10.22 -9.90
C PHE A 339 23.02 9.76 -11.20
N ALA A 340 24.31 9.43 -11.13
CA ALA A 340 25.04 8.90 -12.30
C ALA A 340 24.42 7.63 -12.83
N TRP A 341 24.07 6.71 -11.93
CA TRP A 341 23.45 5.44 -12.29
C TRP A 341 22.15 5.69 -13.04
N LEU A 342 21.42 6.70 -12.57
CA LEU A 342 20.13 7.05 -13.16
C LEU A 342 20.26 7.68 -14.52
N GLY A 343 21.50 8.01 -14.87
CA GLY A 343 21.80 8.67 -16.14
C GLY A 343 21.56 10.17 -16.14
N LEU A 344 21.40 10.79 -14.97
CA LEU A 344 21.15 12.24 -14.87
C LEU A 344 22.32 13.11 -15.38
N PHE A 345 23.52 12.53 -15.42
CA PHE A 345 24.67 13.28 -15.91
C PHE A 345 25.02 12.85 -17.33
N SER A 346 24.08 12.21 -18.03
CA SER A 346 24.37 11.53 -19.29
C SER A 346 23.64 12.18 -20.46
N ASP A 347 23.95 11.68 -21.66
CA ASP A 347 23.26 12.12 -22.87
C ASP A 347 21.90 11.47 -23.08
N ALA A 348 21.49 10.54 -22.20
CA ALA A 348 20.15 9.94 -22.33
C ALA A 348 19.08 11.02 -22.39
N LYS A 349 18.14 10.85 -23.31
CA LYS A 349 17.07 11.84 -23.55
C LYS A 349 15.98 11.69 -22.52
N ILE A 350 15.51 12.82 -22.01
CA ILE A 350 14.43 12.83 -21.04
C ILE A 350 13.12 12.37 -21.68
N THR A 351 12.25 11.75 -20.90
CA THR A 351 10.83 11.67 -21.30
C THR A 351 10.28 13.09 -21.12
N PRO A 352 9.84 13.73 -22.23
CA PRO A 352 9.44 15.13 -22.16
C PRO A 352 8.09 15.34 -21.47
N ARG A 353 8.07 15.33 -20.14
CA ARG A 353 6.83 15.50 -19.38
C ARG A 353 6.43 16.93 -19.03
N GLY A 354 7.26 17.91 -19.41
CA GLY A 354 6.91 19.32 -19.22
C GLY A 354 7.03 19.91 -17.82
N ASN A 355 7.47 19.11 -16.85
CA ASN A 355 7.81 19.60 -15.52
C ASN A 355 8.90 18.69 -14.90
N ALA A 356 9.61 19.19 -13.88
CA ALA A 356 10.77 18.46 -13.31
C ALA A 356 10.36 17.13 -12.71
N LEU A 357 9.38 17.19 -11.83
CA LEU A 357 8.88 16.01 -11.12
C LEU A 357 8.51 14.85 -12.01
N ASP A 358 7.60 15.07 -12.97
CA ASP A 358 7.12 13.98 -13.78
C ASP A 358 8.21 13.45 -14.67
N THR A 359 9.11 14.35 -15.10
CA THR A 359 10.24 13.91 -15.91
C THR A 359 11.15 12.99 -15.08
N LEU A 360 11.42 13.41 -13.84
CA LEU A 360 12.16 12.54 -12.92
C LEU A 360 11.47 11.19 -12.73
N CYS A 361 10.17 11.23 -12.43
CA CYS A 361 9.39 10.01 -12.18
C CYS A 361 9.44 9.05 -13.36
N ALA A 362 9.42 9.60 -14.58
CA ALA A 362 9.49 8.75 -15.77
C ALA A 362 10.80 7.98 -15.83
N ARG A 363 11.89 8.63 -15.44
CA ARG A 363 13.19 8.00 -15.49
C ARG A 363 13.30 6.93 -14.38
N LEU A 364 12.79 7.27 -13.20
CA LEU A 364 12.78 6.32 -12.04
C LEU A 364 12.04 5.07 -12.44
N GLU A 365 10.81 5.27 -12.89
CA GLU A 365 9.97 4.18 -13.41
C GLU A 365 10.64 3.35 -14.52
N GLU A 366 11.30 4.00 -15.46
CA GLU A 366 11.93 3.27 -16.54
C GLU A 366 13.05 2.32 -16.03
N LEU A 367 13.78 2.77 -15.01
CA LEU A 367 15.01 2.08 -14.57
C LEU A 367 14.84 1.19 -13.36
N MET A 368 13.73 1.35 -12.65
CA MET A 368 13.60 0.68 -11.35
C MET A 368 12.37 -0.21 -11.21
N GLN A 369 12.08 -0.98 -12.26
CA GLN A 369 11.02 -1.97 -12.20
C GLN A 369 11.57 -3.34 -11.75
N TYR A 370 10.69 -4.24 -11.28
CA TYR A 370 11.11 -5.62 -11.02
C TYR A 370 11.53 -6.35 -12.30
N GLU A 371 12.58 -7.16 -12.21
CA GLU A 371 12.96 -8.09 -13.30
C GLU A 371 12.44 -9.46 -12.96
N ASP A 372 12.42 -10.38 -13.92
CA ASP A 372 11.62 -11.62 -13.76
C ASP A 372 12.07 -12.57 -12.65
N ASN A 373 13.35 -12.56 -12.33
CA ASN A 373 13.88 -13.41 -11.27
C ASN A 373 13.99 -12.68 -9.93
N GLU A 374 13.35 -11.53 -9.82
CA GLU A 374 13.41 -10.74 -8.59
C GLU A 374 12.17 -10.95 -7.73
N ARG A 375 12.32 -10.72 -6.42
CA ARG A 375 11.24 -10.91 -5.45
C ARG A 375 10.94 -9.60 -4.74
N ASP A 376 9.64 -9.37 -4.48
CA ASP A 376 9.25 -8.28 -3.62
C ASP A 376 9.10 -8.79 -2.18
N MET A 377 8.78 -7.87 -1.27
CA MET A 377 8.64 -8.22 0.14
C MET A 377 7.62 -7.27 0.78
N VAL A 378 6.81 -7.81 1.68
CA VAL A 378 5.95 -7.03 2.55
C VAL A 378 6.45 -7.25 3.98
N VAL A 379 6.62 -6.14 4.69
CA VAL A 379 6.94 -6.16 6.12
C VAL A 379 5.92 -5.31 6.88
N LEU A 380 5.37 -5.87 7.94
CA LEU A 380 4.39 -5.15 8.74
C LEU A 380 4.68 -5.55 10.17
N GLN A 381 4.86 -4.55 11.02
CA GLN A 381 5.00 -4.82 12.45
C GLN A 381 4.17 -3.89 13.28
N HIS A 382 3.36 -4.46 14.20
CA HIS A 382 2.72 -3.68 15.24
C HIS A 382 3.57 -3.83 16.50
N LYS A 383 3.78 -2.74 17.22
CA LYS A 383 4.40 -2.84 18.53
C LYS A 383 3.55 -2.16 19.60
N PHE A 384 3.23 -2.93 20.65
CA PHE A 384 2.29 -2.46 21.67
C PHE A 384 2.99 -2.33 23.02
N GLY A 385 2.93 -1.11 23.59
CA GLY A 385 3.37 -0.86 24.96
C GLY A 385 2.15 -0.91 25.89
N ILE A 386 2.19 -1.89 26.81
CA ILE A 386 1.08 -2.22 27.68
C ILE A 386 1.42 -1.90 29.14
N GLU A 387 0.45 -1.30 29.84
CA GLU A 387 0.50 -1.23 31.30
C GLU A 387 -0.65 -2.04 31.91
N TRP A 388 -0.27 -3.09 32.65
CA TRP A 388 -1.27 -3.98 33.25
C TRP A 388 -1.87 -3.33 34.48
N ALA A 389 -3.01 -3.87 34.94
CA ALA A 389 -3.71 -3.36 36.14
C ALA A 389 -2.79 -3.19 37.35
N ASP A 390 -1.95 -4.20 37.62
CA ASP A 390 -1.00 -4.17 38.74
C ASP A 390 0.12 -3.15 38.55
N GLY A 391 0.14 -2.47 37.40
CA GLY A 391 1.18 -1.47 37.13
C GLY A 391 2.41 -2.00 36.42
N THR A 392 2.47 -3.32 36.19
CA THR A 392 3.58 -3.89 35.42
C THR A 392 3.42 -3.58 33.91
N THR A 393 4.53 -3.34 33.24
CA THR A 393 4.48 -2.96 31.84
C THR A 393 5.10 -4.05 31.00
N GLU A 394 4.68 -4.14 29.74
CA GLU A 394 5.33 -5.08 28.81
C GLU A 394 5.19 -4.54 27.41
N THR A 395 6.06 -5.00 26.51
CA THR A 395 5.98 -4.62 25.10
C THR A 395 5.77 -5.90 24.31
N ARG A 396 4.79 -5.90 23.42
CA ARG A 396 4.57 -6.99 22.50
C ARG A 396 4.80 -6.56 21.07
N THR A 397 5.24 -7.49 20.23
CA THR A 397 5.26 -7.24 18.79
C THR A 397 4.45 -8.25 18.01
N SER A 398 3.89 -7.81 16.88
CA SER A 398 3.27 -8.73 15.94
C SER A 398 3.87 -8.41 14.59
N THR A 399 4.57 -9.39 14.01
CA THR A 399 5.44 -9.13 12.84
C THR A 399 5.20 -10.07 11.66
N LEU A 400 5.01 -9.47 10.49
CA LEU A 400 4.86 -10.23 9.27
C LEU A 400 5.99 -9.84 8.30
N VAL A 401 6.71 -10.85 7.83
CA VAL A 401 7.59 -10.65 6.68
C VAL A 401 7.17 -11.66 5.62
N ASP A 402 6.92 -11.20 4.40
CA ASP A 402 6.41 -12.12 3.39
C ASP A 402 7.10 -11.76 2.08
N TYR A 403 7.51 -12.77 1.31
CA TYR A 403 8.21 -12.53 0.02
C TYR A 403 7.40 -13.02 -1.16
N GLY A 404 7.51 -12.31 -2.28
CA GLY A 404 7.00 -12.82 -3.55
C GLY A 404 7.69 -14.11 -3.99
N LYS A 405 7.03 -14.84 -4.89
CA LYS A 405 7.53 -16.11 -5.44
C LYS A 405 7.84 -15.91 -6.91
N VAL A 406 9.07 -16.24 -7.32
CA VAL A 406 9.47 -16.11 -8.70
C VAL A 406 8.65 -17.11 -9.51
N GLY A 407 8.10 -16.63 -10.63
CA GLY A 407 7.12 -17.42 -11.40
C GLY A 407 5.80 -17.70 -10.68
N GLY A 408 5.55 -17.00 -9.57
CA GLY A 408 4.27 -17.05 -8.84
C GLY A 408 3.81 -15.64 -8.53
N TYR A 409 3.11 -15.49 -7.41
CA TYR A 409 2.53 -14.19 -7.05
C TYR A 409 3.49 -13.41 -6.18
N SER A 410 3.53 -12.10 -6.41
CA SER A 410 4.21 -11.15 -5.54
C SER A 410 3.57 -11.17 -4.16
N SER A 411 4.34 -10.78 -3.15
CA SER A 411 3.77 -10.62 -1.82
C SER A 411 2.73 -9.50 -1.79
N MET A 412 2.99 -8.41 -2.54
CA MET A 412 2.04 -7.32 -2.65
C MET A 412 0.69 -7.83 -3.18
N ALA A 413 0.70 -8.75 -4.15
CA ALA A 413 -0.56 -9.35 -4.65
C ALA A 413 -1.19 -10.31 -3.66
N ALA A 414 -0.37 -11.19 -3.11
CA ALA A 414 -0.88 -12.26 -2.27
C ALA A 414 -1.46 -11.72 -0.98
N THR A 415 -0.79 -10.73 -0.37
CA THR A 415 -1.26 -10.26 0.96
C THR A 415 -2.52 -9.39 0.87
N VAL A 416 -2.85 -8.88 -0.31
CA VAL A 416 -4.16 -8.27 -0.53
C VAL A 416 -5.19 -9.31 -0.98
N GLY A 417 -4.79 -10.17 -1.92
CA GLY A 417 -5.69 -11.08 -2.61
C GLY A 417 -6.21 -12.18 -1.71
N TYR A 418 -5.33 -12.74 -0.88
CA TYR A 418 -5.78 -13.83 -0.03
C TYR A 418 -6.81 -13.43 1.05
N PRO A 419 -6.58 -12.32 1.80
CA PRO A 419 -7.64 -11.87 2.72
C PRO A 419 -8.96 -11.58 1.96
N VAL A 420 -8.86 -11.01 0.76
CA VAL A 420 -10.06 -10.71 -0.02
C VAL A 420 -10.78 -12.02 -0.37
N ALA A 421 -10.02 -13.02 -0.83
CA ALA A 421 -10.63 -14.30 -1.20
C ALA A 421 -11.30 -14.96 0.01
N ILE A 422 -10.66 -14.88 1.18
CA ILE A 422 -11.16 -15.54 2.39
C ILE A 422 -12.45 -14.84 2.82
N ALA A 423 -12.44 -13.51 2.82
CA ALA A 423 -13.62 -12.74 3.17
C ALA A 423 -14.77 -13.01 2.22
N THR A 424 -14.46 -13.15 0.94
CA THR A 424 -15.51 -13.46 -0.05
C THR A 424 -16.17 -14.80 0.25
N LYS A 425 -15.36 -15.81 0.54
CA LYS A 425 -15.94 -17.10 0.88
C LYS A 425 -16.78 -17.00 2.17
N PHE A 426 -16.33 -16.19 3.12
CA PHE A 426 -17.10 -16.03 4.35
C PHE A 426 -18.40 -15.22 4.17
N VAL A 427 -18.41 -14.29 3.21
CA VAL A 427 -19.66 -13.59 2.87
C VAL A 427 -20.61 -14.59 2.22
N LEU A 428 -20.07 -15.42 1.33
CA LEU A 428 -20.88 -16.40 0.60
C LEU A 428 -21.52 -17.43 1.54
N ASP A 429 -20.77 -17.88 2.54
CA ASP A 429 -21.28 -18.95 3.37
C ASP A 429 -21.89 -18.45 4.68
N GLY A 430 -21.92 -17.13 4.83
CA GLY A 430 -22.50 -16.48 6.01
C GLY A 430 -21.67 -16.56 7.29
N THR A 431 -20.40 -16.94 7.20
CA THR A 431 -19.48 -16.80 8.33
C THR A 431 -19.39 -15.32 8.69
N ILE A 432 -19.37 -14.47 7.68
CA ILE A 432 -19.44 -13.03 7.90
C ILE A 432 -20.91 -12.70 7.75
N LYS A 433 -21.52 -12.30 8.86
CA LYS A 433 -22.95 -12.11 8.92
C LYS A 433 -23.29 -10.63 8.79
N GLY A 434 -24.05 -10.31 7.74
CA GLY A 434 -24.55 -8.97 7.51
C GLY A 434 -26.03 -8.93 7.85
N PRO A 435 -26.80 -8.02 7.21
CA PRO A 435 -26.36 -7.07 6.18
C PRO A 435 -25.57 -5.90 6.75
N GLY A 436 -24.98 -5.09 5.88
CA GLY A 436 -24.37 -3.84 6.31
C GLY A 436 -23.05 -3.53 5.66
N LEU A 437 -22.50 -2.38 6.01
CA LEU A 437 -21.25 -1.91 5.45
C LEU A 437 -20.22 -2.26 6.51
N LEU A 438 -19.58 -3.41 6.31
CA LEU A 438 -18.76 -4.04 7.36
C LEU A 438 -17.26 -3.84 7.12
N ALA A 439 -16.47 -4.01 8.18
CA ALA A 439 -15.01 -3.84 8.11
C ALA A 439 -14.43 -4.68 9.26
N PRO A 440 -13.12 -5.05 9.19
CA PRO A 440 -12.54 -6.00 10.12
C PRO A 440 -12.15 -5.39 11.49
N TYR A 441 -13.18 -5.03 12.26
CA TYR A 441 -12.96 -4.18 13.44
C TYR A 441 -13.25 -4.87 14.73
N SER A 442 -13.59 -6.16 14.69
CA SER A 442 -13.95 -6.89 15.89
C SER A 442 -13.53 -8.35 15.79
N PRO A 443 -13.20 -8.99 16.94
CA PRO A 443 -12.77 -10.38 16.94
C PRO A 443 -13.74 -11.32 16.24
N GLU A 444 -15.04 -11.02 16.31
CA GLU A 444 -16.08 -11.89 15.73
C GLU A 444 -15.89 -12.03 14.21
N ILE A 445 -15.68 -10.90 13.54
CA ILE A 445 -15.34 -10.92 12.09
C ILE A 445 -13.89 -11.35 11.86
N ASN A 446 -13.00 -10.86 12.73
CA ASN A 446 -11.54 -11.02 12.51
C ASN A 446 -10.98 -12.42 12.76
N ASP A 447 -11.45 -13.08 13.81
CA ASP A 447 -10.84 -14.37 14.16
C ASP A 447 -10.87 -15.41 13.04
N PRO A 448 -12.04 -15.65 12.40
CA PRO A 448 -12.12 -16.65 11.33
C PRO A 448 -11.17 -16.34 10.16
N ILE A 449 -10.98 -15.06 9.86
CA ILE A 449 -10.12 -14.62 8.74
C ILE A 449 -8.67 -14.89 9.08
N MET A 450 -8.23 -14.44 10.28
CA MET A 450 -6.86 -14.73 10.73
C MET A 450 -6.55 -16.21 10.73
N LYS A 451 -7.48 -17.02 11.26
CA LYS A 451 -7.27 -18.48 11.34
C LYS A 451 -7.13 -19.09 9.93
N GLU A 452 -8.00 -18.69 9.01
CA GLU A 452 -7.96 -19.25 7.65
C GLU A 452 -6.75 -18.75 6.86
N LEU A 453 -6.39 -17.49 7.08
CA LEU A 453 -5.22 -16.94 6.43
C LEU A 453 -3.95 -17.71 6.82
N LYS A 454 -3.81 -18.05 8.09
CA LYS A 454 -2.69 -18.85 8.57
C LYS A 454 -2.76 -20.31 8.08
N ASP A 455 -3.91 -20.93 8.29
CA ASP A 455 -4.09 -22.32 7.96
C ASP A 455 -3.98 -22.61 6.46
N LYS A 456 -4.65 -21.82 5.62
CA LYS A 456 -4.64 -22.06 4.19
C LYS A 456 -3.37 -21.55 3.51
N TYR A 457 -2.93 -20.34 3.86
CA TYR A 457 -1.84 -19.73 3.11
C TYR A 457 -0.53 -19.55 3.86
N GLY A 458 -0.50 -19.91 5.14
CA GLY A 458 0.69 -19.70 5.93
C GLY A 458 0.99 -18.25 6.26
N ILE A 459 0.00 -17.37 6.10
CA ILE A 459 0.18 -15.93 6.36
C ILE A 459 -0.37 -15.52 7.75
N TYR A 460 0.52 -15.05 8.60
CA TYR A 460 0.14 -14.67 9.96
C TYR A 460 1.26 -13.76 10.49
N LEU A 461 0.93 -13.03 11.55
CA LEU A 461 1.88 -12.16 12.22
C LEU A 461 2.40 -12.92 13.42
N LYS A 462 3.73 -13.03 13.50
CA LYS A 462 4.41 -13.64 14.67
C LYS A 462 4.26 -12.75 15.90
N GLU A 463 3.73 -13.33 16.97
CA GLU A 463 3.42 -12.56 18.18
C GLU A 463 4.41 -12.91 19.27
N LYS A 464 5.11 -11.89 19.75
CA LYS A 464 6.17 -12.07 20.74
C LYS A 464 6.03 -11.02 21.82
N THR A 465 6.43 -11.38 23.04
CA THR A 465 6.62 -10.41 24.10
C THR A 465 8.11 -10.10 24.10
N VAL A 466 8.44 -8.82 24.16
CA VAL A 466 9.82 -8.42 24.24
C VAL A 466 10.34 -8.83 25.63
N ALA A 467 11.42 -9.62 25.62
CA ALA A 467 11.99 -10.19 26.83
C ALA A 467 12.47 -9.10 27.77
#